data_1C9N
#
_entry.id   1C9N
#
_cell.length_a   48.250
_cell.length_b   54.150
_cell.length_c   84.500
_cell.angle_alpha   90.00
_cell.angle_beta   90.00
_cell.angle_gamma   90.00
#
_symmetry.space_group_name_H-M   'P 21 21 21'
#
loop_
_entity.id
_entity.type
_entity.pdbx_description
1 polymer 'Subtilisin Savinase'
2 non-polymer 'SULFATE ION'
3 non-polymer 'CALCIUM ION'
4 non-polymer 'phenylmethanesulfonic acid'
5 water water
#
_entity_poly.entity_id   1
_entity_poly.type   'polypeptide(L)'
_entity_poly.pdbx_seq_one_letter_code
;AQSVPWGISRVQAPAAHNRGLTGSGVRVAVLDTGISTHPDLNIRGGASFVPGEPSTQDGNGHGTHVAGTIAALNNSIGVL
GVAPSAELYAVKVLGASGSGSYSSIAQGLEWAGNNGMHVASLSLGSPSPSATLEQAVNSATSRGVLVVAASGNSGAGSIS
YPARYANAMAVGATDQNNNRASFSQYGAGLDIVAPGVNVQSTYPGSTYASLNGTSMATPHVAGAAALVKQKNPSWSNVQI
RNHLKNTATSLGSTNLYGSGLVNAEAAAR
;
_entity_poly.pdbx_strand_id   A
#
loop_
_chem_comp.id
_chem_comp.type
_chem_comp.name
_chem_comp.formula
CA non-polymer 'CALCIUM ION' 'Ca 2'
PMS non-polymer 'phenylmethanesulfonic acid' 'C7 H8 O3 S'
SO4 non-polymer 'SULFATE ION' 'O4 S -2'
#
# COMPACT_ATOMS: atom_id res chain seq x y z
N ALA A 1 12.30 8.37 20.99
CA ALA A 1 12.62 7.00 20.56
C ALA A 1 11.64 6.58 19.43
N GLN A 2 12.28 5.89 18.54
CA GLN A 2 11.62 5.34 17.37
C GLN A 2 11.22 3.90 17.72
N SER A 3 10.01 3.51 17.39
CA SER A 3 9.61 2.12 17.64
C SER A 3 9.39 1.46 16.26
N VAL A 4 9.59 0.15 16.22
CA VAL A 4 9.34 -0.55 14.95
C VAL A 4 8.03 -1.34 15.17
N PRO A 5 6.93 -0.95 14.53
CA PRO A 5 5.65 -1.68 14.66
C PRO A 5 5.84 -3.16 14.32
N TRP A 6 5.04 -4.02 14.94
CA TRP A 6 5.27 -5.48 14.66
C TRP A 6 5.23 -5.90 13.20
N GLY A 7 4.35 -5.34 12.38
CA GLY A 7 4.22 -5.72 10.98
C GLY A 7 5.52 -5.41 10.20
N ILE A 8 6.17 -4.29 10.58
CA ILE A 8 7.42 -3.89 9.92
C ILE A 8 8.49 -4.99 10.13
N SER A 9 8.61 -5.45 11.36
CA SER A 9 9.58 -6.54 11.57
C SER A 9 9.06 -7.83 10.95
N ARG A 10 7.76 -8.05 10.97
CA ARG A 10 7.18 -9.31 10.46
C ARG A 10 7.51 -9.48 8.99
N VAL A 11 7.54 -8.37 8.28
CA VAL A 11 7.91 -8.45 6.83
C VAL A 11 9.42 -8.40 6.61
N GLN A 12 10.22 -8.29 7.65
CA GLN A 12 11.68 -8.26 7.56
C GLN A 12 12.28 -7.03 6.85
N ALA A 13 11.57 -5.90 6.97
CA ALA A 13 12.12 -4.66 6.37
C ALA A 13 13.47 -4.27 6.96
N PRO A 14 13.65 -4.31 8.27
CA PRO A 14 14.94 -3.86 8.88
C PRO A 14 16.16 -4.57 8.27
N ALA A 15 16.08 -5.85 7.94
CA ALA A 15 17.19 -6.58 7.34
C ALA A 15 17.50 -6.00 5.98
N ALA A 16 16.48 -5.60 5.19
CA ALA A 16 16.76 -4.94 3.89
C ALA A 16 17.37 -3.56 4.18
N HIS A 17 16.90 -2.85 5.19
CA HIS A 17 17.48 -1.53 5.53
C HIS A 17 19.01 -1.64 5.76
N ASN A 18 19.36 -2.63 6.54
CA ASN A 18 20.79 -2.85 6.86
C ASN A 18 21.71 -3.03 5.63
N ARG A 19 21.16 -3.47 4.55
CA ARG A 19 21.85 -3.74 3.28
C ARG A 19 21.84 -2.52 2.38
N GLY A 20 21.31 -1.41 2.90
CA GLY A 20 21.21 -0.20 2.12
C GLY A 20 19.90 -0.07 1.33
N LEU A 21 18.88 -0.89 1.41
CA LEU A 21 17.64 -0.78 0.60
C LEU A 21 16.55 -0.12 1.45
N THR A 22 16.27 1.13 1.07
CA THR A 22 15.35 1.99 1.77
C THR A 22 14.26 2.57 0.90
N GLY A 23 14.26 2.28 -0.37
CA GLY A 23 13.18 2.95 -1.16
C GLY A 23 13.65 4.23 -1.88
N SER A 24 14.90 4.57 -1.63
CA SER A 24 15.52 5.72 -2.30
C SER A 24 15.24 5.78 -3.79
N GLY A 25 14.77 6.92 -4.23
CA GLY A 25 14.44 7.30 -5.59
C GLY A 25 13.17 6.61 -6.13
N VAL A 26 12.41 5.94 -5.27
CA VAL A 26 11.20 5.22 -5.78
C VAL A 26 10.03 6.15 -5.48
N ARG A 27 9.19 6.32 -6.51
CA ARG A 27 8.05 7.26 -6.41
C ARG A 27 6.79 6.46 -6.05
N VAL A 28 6.19 6.77 -4.91
CA VAL A 28 5.05 5.99 -4.45
C VAL A 28 3.83 6.89 -4.25
N ALA A 29 2.72 6.61 -4.87
CA ALA A 29 1.50 7.43 -4.75
C ALA A 29 0.59 6.69 -3.77
N VAL A 30 0.07 7.40 -2.80
CA VAL A 30 -0.89 6.85 -1.81
C VAL A 30 -2.26 7.42 -2.24
N LEU A 31 -3.06 6.54 -2.78
CA LEU A 31 -4.44 6.96 -3.24
C LEU A 31 -5.38 6.74 -2.06
N ASP A 32 -5.71 7.79 -1.35
CA ASP A 32 -6.45 7.61 -0.10
C ASP A 32 -7.13 8.92 0.33
N THR A 33 -7.30 9.15 1.63
CA THR A 33 -7.97 10.38 2.10
C THR A 33 -7.04 11.58 2.13
N GLY A 34 -5.82 11.52 1.59
CA GLY A 34 -4.86 12.66 1.70
C GLY A 34 -3.78 12.21 2.71
N ILE A 35 -2.76 13.02 2.90
CA ILE A 35 -1.68 12.74 3.84
C ILE A 35 -1.44 14.09 4.55
N SER A 36 -1.48 14.06 5.85
CA SER A 36 -1.18 15.29 6.63
C SER A 36 0.31 15.36 6.92
N THR A 37 0.76 16.62 6.91
CA THR A 37 2.11 16.99 7.34
C THR A 37 2.32 16.39 8.73
N HIS A 38 3.48 15.78 8.98
CA HIS A 38 3.77 15.07 10.24
C HIS A 38 5.29 15.06 10.41
N PRO A 39 5.81 15.18 11.60
CA PRO A 39 7.25 15.15 11.85
C PRO A 39 7.93 13.86 11.37
N ASP A 40 7.19 12.75 11.26
CA ASP A 40 7.83 11.49 10.82
C ASP A 40 7.57 11.17 9.35
N LEU A 41 7.05 12.10 8.54
CA LEU A 41 6.83 11.87 7.10
C LEU A 41 7.47 12.99 6.26
N ASN A 42 7.79 12.65 5.03
CA ASN A 42 8.31 13.64 4.05
C ASN A 42 7.43 13.49 2.83
N ILE A 43 6.54 14.46 2.60
CA ILE A 43 5.57 14.41 1.49
C ILE A 43 6.14 15.22 0.31
N ARG A 44 6.33 14.62 -0.83
CA ARG A 44 6.97 15.22 -1.98
C ARG A 44 6.00 16.04 -2.81
N GLY A 45 4.71 15.81 -2.65
CA GLY A 45 3.72 16.52 -3.51
C GLY A 45 2.47 15.62 -3.62
N GLY A 46 1.63 15.95 -4.58
CA GLY A 46 0.34 15.18 -4.69
C GLY A 46 -0.70 16.03 -5.44
N ALA A 47 -1.93 15.58 -5.43
CA ALA A 47 -3.07 16.17 -6.15
C ALA A 47 -4.32 15.71 -5.41
N SER A 48 -5.38 16.48 -5.51
CA SER A 48 -6.68 16.11 -4.97
C SER A 48 -7.70 15.95 -6.09
N PHE A 49 -8.48 14.95 -6.16
CA PHE A 49 -9.52 14.67 -7.15
C PHE A 49 -10.89 14.68 -6.45
N VAL A 50 -10.95 15.24 -5.25
CA VAL A 50 -12.20 15.20 -4.48
C VAL A 50 -12.78 16.63 -4.51
N PRO A 51 -13.93 16.69 -5.14
CA PRO A 51 -14.52 18.04 -5.34
C PRO A 51 -14.72 18.75 -4.03
N GLY A 52 -14.27 19.98 -3.83
CA GLY A 52 -14.64 20.53 -2.51
C GLY A 52 -13.57 20.33 -1.49
N GLU A 53 -12.62 19.47 -1.80
CA GLU A 53 -11.48 19.22 -0.90
C GLU A 53 -10.22 19.29 -1.74
N PRO A 54 -9.91 20.53 -2.07
CA PRO A 54 -8.78 20.85 -2.92
C PRO A 54 -7.40 20.56 -2.34
N SER A 55 -7.25 20.57 -1.06
CA SER A 55 -5.99 20.29 -0.32
C SER A 55 -5.75 18.74 -0.35
N THR A 56 -4.43 18.49 -0.28
CA THR A 56 -3.98 17.10 -0.15
C THR A 56 -3.86 16.80 1.34
N GLN A 57 -4.13 17.66 2.32
CA GLN A 57 -4.10 17.29 3.73
C GLN A 57 -5.28 16.28 3.94
N ASP A 58 -5.04 15.50 4.99
CA ASP A 58 -5.91 14.39 5.32
C ASP A 58 -7.00 14.79 6.31
N GLY A 59 -8.25 14.74 5.91
CA GLY A 59 -9.26 15.08 6.93
C GLY A 59 -9.91 13.87 7.60
N ASN A 60 -9.39 12.67 7.42
CA ASN A 60 -9.99 11.46 7.98
C ASN A 60 -9.02 10.79 8.96
N GLY A 61 -7.78 10.58 8.52
CA GLY A 61 -6.72 9.92 9.30
C GLY A 61 -6.16 8.69 8.58
N HIS A 62 -7.00 8.05 7.75
CA HIS A 62 -6.62 6.82 7.01
C HIS A 62 -5.39 6.97 6.09
N GLY A 63 -5.37 7.97 5.22
CA GLY A 63 -4.29 8.18 4.28
C GLY A 63 -2.96 8.45 4.98
N THR A 64 -2.94 9.21 6.07
CA THR A 64 -1.74 9.52 6.88
C THR A 64 -1.17 8.22 7.50
N HIS A 65 -2.07 7.38 7.94
CA HIS A 65 -1.70 6.11 8.60
C HIS A 65 -1.07 5.18 7.56
N VAL A 66 -1.69 4.98 6.41
CA VAL A 66 -1.16 4.19 5.27
C VAL A 66 0.22 4.67 4.84
N ALA A 67 0.36 6.01 4.70
CA ALA A 67 1.60 6.65 4.31
C ALA A 67 2.76 6.27 5.27
N GLY A 68 2.50 6.23 6.56
CA GLY A 68 3.46 5.95 7.61
C GLY A 68 3.96 4.49 7.48
N THR A 69 3.04 3.61 7.09
CA THR A 69 3.50 2.18 6.99
C THR A 69 4.47 2.03 5.85
N ILE A 70 4.20 2.80 4.79
CA ILE A 70 5.10 2.81 3.61
C ILE A 70 6.43 3.50 3.94
N ALA A 71 6.35 4.71 4.51
CA ALA A 71 7.61 5.50 4.56
C ALA A 71 7.80 6.35 5.79
N ALA A 72 7.31 5.99 6.96
CA ALA A 72 7.68 6.79 8.16
C ALA A 72 9.23 6.79 8.18
N LEU A 73 9.78 7.95 8.43
CA LEU A 73 11.20 8.23 8.38
C LEU A 73 11.98 7.40 9.40
N ASN A 74 13.18 7.04 8.94
CA ASN A 74 14.05 6.33 9.91
C ASN A 74 14.85 7.40 10.70
N ASN A 75 14.52 7.61 11.93
CA ASN A 75 15.15 8.70 12.70
C ASN A 75 14.99 8.38 14.18
N SER A 76 14.83 9.34 15.08
CA SER A 76 14.76 9.05 16.53
C SER A 76 13.37 9.14 17.05
N ILE A 77 12.37 9.25 16.19
CA ILE A 77 10.99 9.43 16.68
C ILE A 77 10.03 8.52 15.91
N GLY A 78 8.87 8.47 16.57
CA GLY A 78 7.75 7.81 15.93
C GLY A 78 7.97 6.36 15.50
N VAL A 79 7.63 6.04 14.27
CA VAL A 79 7.64 4.66 13.76
C VAL A 79 8.65 4.58 12.63
N LEU A 80 8.61 3.52 11.84
CA LEU A 80 9.54 3.24 10.76
C LEU A 80 8.75 2.58 9.63
N GLY A 81 8.92 3.10 8.41
CA GLY A 81 8.16 2.51 7.24
C GLY A 81 8.94 1.33 6.66
N VAL A 82 8.27 0.61 5.77
CA VAL A 82 9.00 -0.44 5.05
C VAL A 82 10.07 0.24 4.18
N ALA A 83 9.73 1.37 3.57
CA ALA A 83 10.67 2.03 2.60
C ALA A 83 10.87 3.48 3.08
N PRO A 84 11.67 3.69 4.11
CA PRO A 84 11.74 5.03 4.73
C PRO A 84 12.27 6.15 3.86
N SER A 85 12.89 5.80 2.74
CA SER A 85 13.40 6.85 1.84
C SER A 85 12.53 6.98 0.60
N ALA A 86 11.38 6.31 0.59
CA ALA A 86 10.55 6.46 -0.63
C ALA A 86 10.04 7.90 -0.78
N GLU A 87 9.80 8.25 -2.02
CA GLU A 87 9.27 9.59 -2.38
C GLU A 87 7.75 9.50 -2.34
N LEU A 88 7.12 10.06 -1.34
CA LEU A 88 5.68 9.91 -1.11
C LEU A 88 4.84 11.01 -1.74
N TYR A 89 3.87 10.64 -2.48
CA TYR A 89 2.95 11.57 -3.13
C TYR A 89 1.56 11.35 -2.57
N ALA A 90 0.89 12.39 -2.18
CA ALA A 90 -0.46 12.28 -1.61
C ALA A 90 -1.52 12.36 -2.73
N VAL A 91 -2.23 11.32 -3.11
CA VAL A 91 -3.22 11.42 -4.21
C VAL A 91 -4.58 11.30 -3.52
N LYS A 92 -5.20 12.47 -3.20
CA LYS A 92 -6.48 12.38 -2.49
C LYS A 92 -7.60 11.99 -3.44
N VAL A 93 -8.19 10.80 -3.28
CA VAL A 93 -9.30 10.29 -4.10
C VAL A 93 -10.54 9.95 -3.24
N LEU A 94 -10.33 10.01 -1.95
CA LEU A 94 -11.36 9.77 -0.92
C LEU A 94 -11.50 11.04 -0.10
N GLY A 95 -12.74 11.44 0.13
CA GLY A 95 -12.98 12.62 0.96
C GLY A 95 -12.82 12.26 2.43
N ALA A 96 -12.96 13.33 3.22
CA ALA A 96 -12.86 13.16 4.68
C ALA A 96 -13.78 12.06 5.21
N SER A 97 -14.91 11.77 4.61
CA SER A 97 -15.79 10.69 5.08
C SER A 97 -15.13 9.31 4.85
N GLY A 98 -14.09 9.25 4.01
CA GLY A 98 -13.47 7.94 3.80
C GLY A 98 -14.05 7.33 2.52
N SER A 99 -14.99 8.00 1.88
CA SER A 99 -15.50 7.37 0.64
C SER A 99 -15.17 8.34 -0.50
N GLY A 100 -15.25 7.72 -1.67
CA GLY A 100 -15.03 8.47 -2.93
C GLY A 100 -15.75 7.77 -4.09
N SER A 101 -15.71 8.41 -5.24
CA SER A 101 -16.32 7.87 -6.46
C SER A 101 -15.32 7.10 -7.31
N TYR A 102 -15.93 6.30 -8.18
CA TYR A 102 -15.10 5.55 -9.15
C TYR A 102 -14.34 6.54 -10.02
N SER A 103 -14.98 7.68 -10.33
CA SER A 103 -14.28 8.66 -11.15
C SER A 103 -13.18 9.39 -10.34
N SER A 104 -13.26 9.65 -9.05
CA SER A 104 -12.10 10.31 -8.45
C SER A 104 -10.94 9.29 -8.32
N ILE A 105 -11.28 8.04 -8.09
CA ILE A 105 -10.25 7.00 -7.98
C ILE A 105 -9.52 6.83 -9.32
N ALA A 106 -10.34 6.77 -10.36
CA ALA A 106 -9.85 6.62 -11.75
C ALA A 106 -8.93 7.78 -12.12
N GLN A 107 -9.31 8.99 -11.70
CA GLN A 107 -8.49 10.18 -11.98
C GLN A 107 -7.14 10.15 -11.21
N GLY A 108 -7.20 9.58 -10.01
CA GLY A 108 -5.98 9.42 -9.20
C GLY A 108 -5.03 8.41 -9.86
N LEU A 109 -5.59 7.31 -10.40
CA LEU A 109 -4.75 6.33 -11.15
C LEU A 109 -4.07 6.91 -12.40
N GLU A 110 -4.89 7.68 -13.14
CA GLU A 110 -4.37 8.33 -14.35
C GLU A 110 -3.24 9.30 -14.00
N TRP A 111 -3.46 10.01 -12.92
CA TRP A 111 -2.47 10.96 -12.37
C TRP A 111 -1.13 10.24 -12.10
N ALA A 112 -1.22 9.08 -11.43
CA ALA A 112 -0.03 8.29 -11.12
C ALA A 112 0.72 7.90 -12.40
N GLY A 113 0.03 7.40 -13.43
CA GLY A 113 0.71 7.02 -14.68
C GLY A 113 1.30 8.21 -15.42
N ASN A 114 0.62 9.36 -15.32
CA ASN A 114 1.03 10.55 -16.03
C ASN A 114 2.20 11.30 -15.41
N ASN A 115 2.46 11.03 -14.17
CA ASN A 115 3.52 11.71 -13.40
C ASN A 115 4.64 10.74 -12.95
N GLY A 116 4.75 9.61 -13.62
CA GLY A 116 5.84 8.70 -13.35
C GLY A 116 5.91 8.02 -12.01
N MET A 117 4.75 7.73 -11.43
CA MET A 117 4.84 7.00 -10.13
C MET A 117 5.33 5.58 -10.48
N HIS A 118 6.04 4.92 -9.58
CA HIS A 118 6.45 3.54 -9.74
C HIS A 118 5.42 2.61 -9.06
N VAL A 119 4.84 3.05 -7.96
CA VAL A 119 3.91 2.22 -7.19
C VAL A 119 2.68 3.09 -6.82
N ALA A 120 1.47 2.51 -6.87
CA ALA A 120 0.28 3.25 -6.42
C ALA A 120 -0.40 2.32 -5.39
N SER A 121 -0.70 2.76 -4.20
CA SER A 121 -1.32 2.02 -3.13
C SER A 121 -2.76 2.47 -2.98
N LEU A 122 -3.70 1.55 -3.18
CA LEU A 122 -5.14 1.83 -3.09
C LEU A 122 -5.73 1.02 -1.93
N SER A 123 -6.32 1.68 -0.98
CA SER A 123 -6.89 1.12 0.26
C SER A 123 -8.34 0.68 0.19
N LEU A 124 -9.09 1.23 -0.74
CA LEU A 124 -10.53 0.93 -0.77
C LEU A 124 -10.97 -0.05 -1.86
N GLY A 125 -11.85 -0.94 -1.44
CA GLY A 125 -12.35 -1.89 -2.46
C GLY A 125 -13.87 -1.70 -2.57
N SER A 126 -14.41 -1.92 -3.73
CA SER A 126 -15.83 -1.84 -4.02
C SER A 126 -16.28 -3.29 -4.36
N PRO A 127 -17.48 -3.64 -3.90
CA PRO A 127 -18.04 -4.97 -4.12
C PRO A 127 -18.39 -5.23 -5.56
N SER A 128 -18.59 -4.13 -6.26
CA SER A 128 -19.01 -4.25 -7.68
C SER A 128 -17.98 -3.63 -8.62
N PRO A 129 -17.92 -4.29 -9.75
CA PRO A 129 -16.96 -3.84 -10.78
C PRO A 129 -17.33 -2.47 -11.33
N SER A 130 -16.35 -1.83 -11.94
CA SER A 130 -16.57 -0.52 -12.60
C SER A 130 -15.63 -0.52 -13.83
N ALA A 131 -16.27 -0.44 -15.01
CA ALA A 131 -15.52 -0.32 -16.27
C ALA A 131 -14.56 0.89 -16.20
N THR A 132 -15.00 1.97 -15.56
CA THR A 132 -14.13 3.17 -15.42
C THR A 132 -12.87 2.85 -14.60
N LEU A 133 -13.07 2.21 -13.44
CA LEU A 133 -11.98 1.76 -12.61
C LEU A 133 -11.04 0.82 -13.38
N GLU A 134 -11.60 -0.12 -14.09
CA GLU A 134 -10.78 -1.09 -14.80
C GLU A 134 -9.90 -0.47 -15.86
N GLN A 135 -10.50 0.55 -16.54
CA GLN A 135 -9.76 1.28 -17.57
C GLN A 135 -8.57 1.96 -16.92
N ALA A 136 -8.85 2.61 -15.80
CA ALA A 136 -7.79 3.34 -15.07
C ALA A 136 -6.68 2.43 -14.54
N VAL A 137 -7.08 1.27 -14.03
CA VAL A 137 -6.05 0.31 -13.55
C VAL A 137 -5.21 -0.12 -14.74
N ASN A 138 -5.82 -0.40 -15.88
CA ASN A 138 -5.05 -0.83 -17.05
C ASN A 138 -4.13 0.27 -17.56
N SER A 139 -4.64 1.49 -17.63
CA SER A 139 -3.86 2.65 -18.11
C SER A 139 -2.61 2.89 -17.24
N ALA A 140 -2.79 2.91 -15.92
CA ALA A 140 -1.66 3.06 -14.98
C ALA A 140 -0.65 1.94 -15.19
N THR A 141 -1.17 0.72 -15.35
CA THR A 141 -0.26 -0.44 -15.53
C THR A 141 0.60 -0.31 -16.83
N SER A 142 -0.10 0.10 -17.90
CA SER A 142 0.64 0.21 -19.16
C SER A 142 1.64 1.35 -19.09
N ARG A 143 1.45 2.31 -18.23
CA ARG A 143 2.37 3.43 -18.06
C ARG A 143 3.44 3.09 -17.02
N GLY A 144 3.53 1.84 -16.58
CA GLY A 144 4.56 1.32 -15.70
C GLY A 144 4.38 1.33 -14.20
N VAL A 145 3.18 1.71 -13.79
CA VAL A 145 2.79 1.76 -12.39
C VAL A 145 2.45 0.34 -11.89
N LEU A 146 2.95 0.02 -10.72
CA LEU A 146 2.54 -1.20 -10.02
C LEU A 146 1.34 -0.73 -9.10
N VAL A 147 0.15 -1.21 -9.42
CA VAL A 147 -1.09 -0.94 -8.69
C VAL A 147 -1.29 -2.03 -7.61
N VAL A 148 -1.22 -1.60 -6.36
CA VAL A 148 -1.36 -2.50 -5.18
C VAL A 148 -2.69 -2.16 -4.54
N ALA A 149 -3.63 -3.05 -4.40
CA ALA A 149 -4.98 -2.77 -3.88
C ALA A 149 -5.37 -3.73 -2.77
N ALA A 150 -6.09 -3.21 -1.82
CA ALA A 150 -6.64 -4.00 -0.68
C ALA A 150 -7.73 -4.99 -1.16
N SER A 151 -7.73 -6.22 -0.66
CA SER A 151 -8.72 -7.24 -0.99
C SER A 151 -10.09 -6.88 -0.39
N GLY A 152 -10.16 -6.09 0.64
CA GLY A 152 -11.47 -5.63 1.20
C GLY A 152 -11.71 -6.33 2.54
N ASN A 153 -12.64 -5.74 3.26
CA ASN A 153 -12.85 -6.13 4.68
C ASN A 153 -14.17 -6.84 5.00
N SER A 154 -14.80 -7.40 4.03
CA SER A 154 -16.10 -8.07 4.26
C SER A 154 -15.99 -9.48 4.83
N GLY A 155 -14.82 -10.08 4.84
CA GLY A 155 -14.65 -11.42 5.35
C GLY A 155 -15.08 -12.49 4.35
N ALA A 156 -15.56 -12.12 3.18
CA ALA A 156 -16.06 -13.03 2.14
C ALA A 156 -14.89 -13.67 1.40
N GLY A 157 -15.30 -14.80 0.78
CA GLY A 157 -14.41 -15.65 -0.01
C GLY A 157 -14.25 -15.17 -1.43
N SER A 158 -14.45 -13.91 -1.72
CA SER A 158 -14.15 -13.35 -3.06
C SER A 158 -13.55 -11.96 -2.75
N ILE A 159 -12.84 -11.44 -3.73
CA ILE A 159 -12.17 -10.16 -3.48
C ILE A 159 -12.81 -8.97 -4.20
N SER A 160 -12.68 -7.81 -3.53
CA SER A 160 -13.22 -6.56 -4.02
C SER A 160 -12.54 -6.08 -5.29
N TYR A 161 -13.08 -5.02 -5.85
CA TYR A 161 -12.56 -4.31 -7.00
C TYR A 161 -12.01 -2.97 -6.48
N PRO A 162 -10.88 -2.53 -7.03
CA PRO A 162 -10.19 -3.10 -8.18
C PRO A 162 -9.23 -4.25 -7.94
N ALA A 163 -9.04 -4.63 -6.71
CA ALA A 163 -8.10 -5.75 -6.39
C ALA A 163 -8.32 -6.97 -7.28
N ARG A 164 -9.55 -7.29 -7.61
CA ARG A 164 -9.94 -8.46 -8.44
C ARG A 164 -9.46 -8.38 -9.89
N TYR A 165 -9.29 -7.18 -10.47
CA TYR A 165 -8.76 -7.03 -11.84
C TYR A 165 -7.36 -7.65 -11.94
N ALA A 166 -7.09 -8.19 -13.14
CA ALA A 166 -5.80 -8.90 -13.35
C ALA A 166 -4.60 -7.97 -13.16
N ASN A 167 -4.75 -6.71 -13.59
CA ASN A 167 -3.59 -5.83 -13.45
C ASN A 167 -3.44 -5.17 -12.08
N ALA A 168 -4.27 -5.43 -11.07
CA ALA A 168 -4.09 -4.91 -9.71
C ALA A 168 -3.45 -6.03 -8.86
N MET A 169 -2.46 -5.74 -8.07
CA MET A 169 -1.91 -6.77 -7.14
C MET A 169 -2.83 -6.74 -5.93
N ALA A 170 -3.54 -7.78 -5.61
CA ALA A 170 -4.52 -7.82 -4.50
C ALA A 170 -3.86 -8.32 -3.20
N VAL A 171 -4.02 -7.55 -2.15
CA VAL A 171 -3.40 -7.80 -0.86
C VAL A 171 -4.44 -8.06 0.25
N GLY A 172 -4.31 -9.23 0.90
CA GLY A 172 -5.15 -9.56 2.08
C GLY A 172 -4.33 -9.24 3.35
N ALA A 173 -5.03 -9.49 4.47
CA ALA A 173 -4.39 -9.15 5.76
C ALA A 173 -4.14 -10.35 6.70
N THR A 174 -2.98 -10.41 7.33
CA THR A 174 -2.79 -11.46 8.37
C THR A 174 -2.79 -10.78 9.72
N ASP A 175 -2.97 -11.63 10.77
CA ASP A 175 -2.93 -11.17 12.18
C ASP A 175 -1.55 -11.48 12.75
N GLN A 176 -1.38 -11.23 14.05
CA GLN A 176 -0.06 -11.42 14.71
C GLN A 176 0.41 -12.85 14.81
N ASN A 177 -0.48 -13.80 14.56
CA ASN A 177 -0.29 -15.24 14.63
C ASN A 177 -0.09 -15.72 13.21
N ASN A 178 0.00 -14.87 12.19
CA ASN A 178 0.17 -15.24 10.78
C ASN A 178 -1.05 -16.00 10.21
N ASN A 179 -2.19 -15.85 10.88
CA ASN A 179 -3.41 -16.40 10.35
C ASN A 179 -4.10 -15.25 9.53
N ARG A 180 -5.10 -15.64 8.76
CA ARG A 180 -5.92 -14.68 8.03
C ARG A 180 -6.79 -13.89 9.04
N ALA A 181 -6.72 -12.57 8.95
CA ALA A 181 -7.56 -11.69 9.78
C ALA A 181 -8.98 -12.02 9.38
N SER A 182 -9.84 -12.01 10.37
CA SER A 182 -11.24 -12.42 10.15
C SER A 182 -11.90 -11.63 9.04
N PHE A 183 -11.61 -10.33 8.99
CA PHE A 183 -12.32 -9.54 7.96
C PHE A 183 -11.70 -9.64 6.58
N SER A 184 -10.54 -10.27 6.48
CA SER A 184 -9.82 -10.19 5.20
C SER A 184 -10.49 -10.95 4.06
N GLN A 185 -10.86 -10.29 2.96
CA GLN A 185 -11.42 -11.03 1.83
C GLN A 185 -10.28 -11.85 1.15
N TYR A 186 -10.72 -12.99 0.65
CA TYR A 186 -9.75 -13.91 0.03
C TYR A 186 -10.40 -14.55 -1.21
N GLY A 187 -9.67 -15.52 -1.74
CA GLY A 187 -10.25 -16.18 -2.93
C GLY A 187 -9.51 -15.87 -4.23
N ALA A 188 -10.21 -16.11 -5.31
CA ALA A 188 -9.69 -15.96 -6.69
C ALA A 188 -9.13 -14.56 -6.94
N GLY A 189 -7.88 -14.49 -7.32
CA GLY A 189 -7.20 -13.21 -7.63
C GLY A 189 -6.38 -12.70 -6.46
N LEU A 190 -6.45 -13.27 -5.26
CA LEU A 190 -5.66 -12.79 -4.09
C LEU A 190 -4.20 -13.09 -4.38
N ASP A 191 -3.32 -12.10 -4.40
CA ASP A 191 -1.91 -12.35 -4.75
C ASP A 191 -1.03 -12.61 -3.54
N ILE A 192 -1.25 -11.94 -2.43
CA ILE A 192 -0.31 -11.98 -1.33
C ILE A 192 -1.02 -11.38 -0.08
N VAL A 193 -0.41 -11.57 1.06
CA VAL A 193 -0.90 -11.04 2.35
C VAL A 193 0.27 -10.34 3.07
N ALA A 194 -0.16 -9.52 3.98
CA ALA A 194 0.75 -8.75 4.86
C ALA A 194 0.02 -8.44 6.17
N PRO A 195 0.77 -8.01 7.17
CA PRO A 195 0.13 -7.62 8.45
C PRO A 195 -1.01 -6.59 8.33
N GLY A 196 -2.18 -6.82 8.95
CA GLY A 196 -3.28 -5.86 8.84
C GLY A 196 -4.01 -5.66 10.14
N VAL A 197 -3.46 -6.17 11.25
CA VAL A 197 -4.16 -6.06 12.54
C VAL A 197 -3.30 -5.35 13.58
N ASN A 198 -3.92 -4.42 14.30
CA ASN A 198 -3.18 -3.70 15.34
C ASN A 198 -1.93 -3.04 14.77
N VAL A 199 -2.10 -2.31 13.69
CA VAL A 199 -0.99 -1.64 12.99
C VAL A 199 -0.79 -0.18 13.43
N GLN A 200 0.30 0.04 14.12
CA GLN A 200 0.60 1.40 14.60
C GLN A 200 1.30 2.20 13.49
N SER A 201 0.83 3.42 13.29
CA SER A 201 1.45 4.28 12.26
C SER A 201 1.15 5.75 12.63
N THR A 202 1.63 6.59 11.75
CA THR A 202 1.43 8.05 11.83
C THR A 202 -0.04 8.42 11.69
N TYR A 203 -0.38 9.53 12.36
CA TYR A 203 -1.79 9.95 12.33
C TYR A 203 -1.82 11.48 12.44
N PRO A 204 -2.88 12.09 11.91
CA PRO A 204 -3.04 13.55 11.99
C PRO A 204 -2.95 13.99 13.45
N GLY A 205 -2.50 15.25 13.56
CA GLY A 205 -2.23 15.77 14.91
C GLY A 205 -0.82 15.39 15.41
N SER A 206 0.07 15.06 14.48
CA SER A 206 1.45 14.72 14.83
C SER A 206 1.52 13.60 15.85
N THR A 207 0.57 12.66 15.68
CA THR A 207 0.56 11.55 16.65
C THR A 207 0.62 10.19 15.94
N TYR A 208 0.26 9.12 16.62
CA TYR A 208 0.33 7.72 16.17
C TYR A 208 -0.96 7.07 16.61
N ALA A 209 -1.40 6.13 15.79
CA ALA A 209 -2.61 5.36 16.11
C ALA A 209 -2.47 3.93 15.54
N SER A 210 -3.26 2.99 16.06
CA SER A 210 -3.31 1.61 15.59
C SER A 210 -4.65 1.42 14.87
N LEU A 211 -4.66 0.85 13.73
CA LEU A 211 -5.87 0.58 12.96
C LEU A 211 -5.73 -0.86 12.43
N ASN A 212 -6.88 -1.36 12.06
CA ASN A 212 -7.02 -2.70 11.46
C ASN A 212 -7.71 -2.57 10.09
N GLY A 213 -7.38 -3.45 9.17
CA GLY A 213 -8.05 -3.57 7.87
C GLY A 213 -6.98 -3.99 6.82
N THR A 214 -7.61 -4.40 5.71
CA THR A 214 -6.81 -4.74 4.53
C THR A 214 -6.08 -3.48 4.00
N SER A 215 -6.59 -2.28 4.34
CA SER A 215 -5.87 -1.08 3.86
C SER A 215 -4.59 -0.89 4.67
N MET A 216 -4.44 -1.59 5.79
CA MET A 216 -3.15 -1.52 6.54
C MET A 216 -2.13 -2.53 5.97
N ALA A 217 -2.66 -3.64 5.40
CA ALA A 217 -1.79 -4.68 4.82
C ALA A 217 -1.11 -4.15 3.54
N THR A 218 -1.98 -3.52 2.71
CA THR A 218 -1.58 -2.96 1.41
C THR A 218 -0.28 -2.15 1.42
N PRO A 219 -0.09 -1.16 2.29
CA PRO A 219 1.14 -0.34 2.27
C PRO A 219 2.39 -1.16 2.54
N HIS A 220 2.26 -2.27 3.27
CA HIS A 220 3.46 -3.13 3.57
C HIS A 220 4.00 -3.67 2.26
N VAL A 221 3.06 -4.04 1.39
CA VAL A 221 3.41 -4.57 0.07
C VAL A 221 3.93 -3.47 -0.85
N ALA A 222 3.28 -2.30 -0.80
CA ALA A 222 3.72 -1.16 -1.64
C ALA A 222 5.14 -0.80 -1.22
N GLY A 223 5.38 -0.78 0.09
CA GLY A 223 6.74 -0.47 0.62
C GLY A 223 7.74 -1.55 0.16
N ALA A 224 7.31 -2.83 0.22
CA ALA A 224 8.25 -3.91 -0.23
C ALA A 224 8.60 -3.75 -1.71
N ALA A 225 7.59 -3.45 -2.53
CA ALA A 225 7.78 -3.20 -3.96
C ALA A 225 8.80 -2.05 -4.13
N ALA A 226 8.81 -1.03 -3.31
CA ALA A 226 9.75 0.10 -3.44
C ALA A 226 11.19 -0.35 -3.17
N LEU A 227 11.41 -1.30 -2.24
CA LEU A 227 12.77 -1.83 -2.00
C LEU A 227 13.21 -2.64 -3.22
N VAL A 228 12.33 -3.46 -3.80
CA VAL A 228 12.69 -4.27 -4.99
C VAL A 228 13.11 -3.36 -6.16
N LYS A 229 12.35 -2.30 -6.39
CA LYS A 229 12.60 -1.32 -7.45
C LYS A 229 13.96 -0.62 -7.26
N GLN A 230 14.22 -0.28 -6.01
CA GLN A 230 15.51 0.35 -5.72
C GLN A 230 16.64 -0.63 -6.07
N LYS A 231 16.49 -1.88 -5.67
CA LYS A 231 17.51 -2.91 -5.91
C LYS A 231 17.59 -3.21 -7.40
N ASN A 232 16.54 -3.16 -8.15
CA ASN A 232 16.41 -3.49 -9.56
C ASN A 232 15.68 -2.42 -10.35
N PRO A 233 16.33 -1.29 -10.48
CA PRO A 233 15.77 -0.11 -11.17
C PRO A 233 15.30 -0.37 -12.57
N SER A 234 15.82 -1.33 -13.27
CA SER A 234 15.35 -1.63 -14.63
C SER A 234 14.15 -2.58 -14.67
N TRP A 235 13.74 -3.17 -13.54
CA TRP A 235 12.59 -4.09 -13.63
C TRP A 235 11.28 -3.39 -13.85
N SER A 236 10.39 -4.09 -14.50
CA SER A 236 9.03 -3.49 -14.72
C SER A 236 8.11 -3.80 -13.51
N ASN A 237 6.94 -3.18 -13.57
CA ASN A 237 5.89 -3.45 -12.58
C ASN A 237 5.61 -4.96 -12.47
N VAL A 238 5.47 -5.64 -13.59
CA VAL A 238 5.16 -7.08 -13.64
C VAL A 238 6.30 -7.88 -13.02
N GLN A 239 7.58 -7.61 -13.28
CA GLN A 239 8.71 -8.28 -12.70
C GLN A 239 8.70 -8.14 -11.18
N ILE A 240 8.44 -6.90 -10.77
CA ILE A 240 8.44 -6.67 -9.32
C ILE A 240 7.32 -7.50 -8.67
N ARG A 241 6.14 -7.44 -9.25
CA ARG A 241 4.96 -8.16 -8.75
C ARG A 241 5.24 -9.66 -8.58
N ASN A 242 5.74 -10.23 -9.66
CA ASN A 242 6.09 -11.67 -9.72
C ASN A 242 7.19 -11.98 -8.71
N HIS A 243 8.20 -11.17 -8.62
CA HIS A 243 9.27 -11.41 -7.61
C HIS A 243 8.76 -11.34 -6.17
N LEU A 244 7.89 -10.39 -5.80
CA LEU A 244 7.28 -10.40 -4.49
C LEU A 244 6.49 -11.70 -4.20
N LYS A 245 5.71 -12.19 -5.17
CA LYS A 245 4.94 -13.44 -4.98
C LYS A 245 5.88 -14.65 -4.83
N ASN A 246 6.88 -14.68 -5.68
CA ASN A 246 7.91 -15.76 -5.70
C ASN A 246 8.70 -15.78 -4.41
N THR A 247 8.97 -14.72 -3.66
CA THR A 247 9.77 -14.69 -2.44
C THR A 247 8.96 -14.63 -1.17
N ALA A 248 7.65 -14.73 -1.32
CA ALA A 248 6.70 -14.66 -0.20
C ALA A 248 6.86 -15.98 0.62
N THR A 249 6.56 -15.80 1.89
CA THR A 249 6.58 -16.92 2.85
C THR A 249 5.28 -17.71 2.74
N SER A 250 5.34 -18.97 2.26
CA SER A 250 4.11 -19.80 2.20
C SER A 250 3.45 -19.96 3.55
N LEU A 251 2.14 -19.77 3.65
CA LEU A 251 1.43 -19.86 4.91
C LEU A 251 0.49 -21.07 4.85
N GLY A 252 0.50 -21.62 3.65
CA GLY A 252 -0.47 -22.78 3.51
C GLY A 252 -1.42 -22.45 2.35
N SER A 253 -2.68 -22.51 2.56
CA SER A 253 -3.70 -22.27 1.53
C SER A 253 -3.53 -21.14 0.55
N THR A 254 -3.45 -21.43 -0.75
CA THR A 254 -3.40 -20.35 -1.76
C THR A 254 -4.74 -19.61 -1.82
N ASN A 255 -5.80 -20.26 -1.32
CA ASN A 255 -7.15 -19.62 -1.36
C ASN A 255 -7.20 -18.47 -0.35
N LEU A 256 -6.66 -18.75 0.83
CA LEU A 256 -6.68 -17.79 1.93
C LEU A 256 -5.58 -16.72 1.81
N TYR A 257 -4.37 -17.11 1.36
CA TYR A 257 -3.21 -16.22 1.40
C TYR A 257 -2.52 -15.91 0.09
N GLY A 258 -3.04 -16.50 -0.99
CA GLY A 258 -2.34 -16.35 -2.29
C GLY A 258 -0.93 -16.96 -2.12
N SER A 259 0.06 -16.17 -2.58
CA SER A 259 1.44 -16.63 -2.57
C SER A 259 2.00 -16.66 -1.17
N GLY A 260 1.39 -16.07 -0.18
CA GLY A 260 1.89 -16.12 1.22
C GLY A 260 2.17 -14.69 1.74
N LEU A 261 2.98 -14.73 2.81
CA LEU A 261 3.33 -13.51 3.55
C LEU A 261 4.46 -12.76 2.85
N VAL A 262 4.28 -11.48 2.54
CA VAL A 262 5.38 -10.73 1.90
C VAL A 262 6.64 -10.77 2.80
N ASN A 263 7.77 -10.88 2.13
CA ASN A 263 9.10 -10.98 2.83
C ASN A 263 9.98 -9.97 2.12
N ALA A 264 10.12 -8.80 2.72
CA ALA A 264 10.89 -7.69 2.12
C ALA A 264 12.35 -8.07 2.00
N GLU A 265 12.85 -8.81 2.96
CA GLU A 265 14.30 -9.10 2.86
C GLU A 265 14.55 -10.17 1.82
N ALA A 266 13.72 -11.21 1.69
CA ALA A 266 13.93 -12.20 0.62
C ALA A 266 13.72 -11.58 -0.77
N ALA A 267 12.82 -10.58 -0.91
CA ALA A 267 12.52 -9.98 -2.20
C ALA A 267 13.66 -9.02 -2.63
N ALA A 268 14.34 -8.51 -1.63
CA ALA A 268 15.32 -7.47 -1.98
C ALA A 268 16.75 -7.95 -1.92
N ARG A 269 16.99 -9.24 -1.83
CA ARG A 269 18.43 -9.61 -1.70
C ARG A 269 19.06 -9.75 -3.09
S SO4 B . -18.84 2.00 -14.96
O1 SO4 B . -20.20 2.55 -15.32
O2 SO4 B . -18.46 2.51 -13.60
O3 SO4 B . -18.98 0.48 -15.12
O4 SO4 B . -17.81 2.47 -15.93
CA CA C . 10.59 7.53 12.61
CA CA D . -5.37 -9.45 -8.85
C PMS E . -10.40 0.62 4.31
S PMS E . -9.04 0.07 5.34
C1 PMS E . -10.53 2.16 4.26
C2 PMS E . -9.85 2.91 3.20
C3 PMS E . -10.01 4.30 3.25
C4 PMS E . -10.81 4.92 4.20
C5 PMS E . -11.47 4.20 5.24
C6 PMS E . -11.29 2.80 5.26
O2S PMS E . -9.06 0.75 6.61
O1S PMS E . -9.19 -1.37 5.52
#